data_4Q74
#
_entry.id   4Q74
#
_cell.length_a   57.910
_cell.length_b   74.700
_cell.length_c   113.710
_cell.angle_alpha   90.00
_cell.angle_beta   90.00
_cell.angle_gamma   90.00
#
_symmetry.space_group_name_H-M   'P 21 21 21'
#
loop_
_entity.id
_entity.type
_entity.pdbx_description
1 polymer 'Ig gamma-1 chain C region'
2 branched beta-D-galactopyranose-(1-4)-2-acetamido-2-deoxy-beta-D-glucopyranose-(1-2)-alpha-D-mannopyranose-(1-6)-beta-D-mannopyranose-(1-4)-2-acetamido-2-deoxy-beta-D-glucopyranose-(1-4)-[alpha-L-fucopyranose-(1-6)]2-acetamido-2-deoxy-beta-D-glucopyranose
3 branched beta-D-galactopyranose-(1-4)-2-acetamido-2-deoxy-beta-D-glucopyranose-(1-2)-alpha-D-mannopyranose-(1-6)-[2-acetamido-2-deoxy-beta-D-glucopyranose-(1-2)-alpha-D-mannopyranose-(1-3)]beta-D-mannopyranose-(1-4)-2-acetamido-2-deoxy-beta-D-glucopyranose-(1-4)-[alpha-L-fucopyranose-(1-6)]2-acetamido-2-deoxy-beta-D-glucopyranose
4 water water
#
_entity_poly.entity_id   1
_entity_poly.type   'polypeptide(L)'
_entity_poly.pdbx_seq_one_letter_code
;EVQLLETSTCPPCPAPELLGGPSVALFPPKPKDTLMISRTPEVTCVVVDVSHEDPEVKFNWYVDGVEVHNAKTKPREEQY
NSTYRVVSVLTVLHQDWLNGKEYKCKVSNKALPAPIEKTISKAKGQPREPQVYTLPPSRDELTKNQVSLTCLVKGFYPSD
IAVEWESNGQPENNYKTTPPVLDSDGSFFLYSKLTVDKSRWQQGNVFSCSVMHEALHNHYTQKSLSLSPG
;
_entity_poly.pdbx_strand_id   A,B
#
loop_
_chem_comp.id
_chem_comp.type
_chem_comp.name
_chem_comp.formula
BMA D-saccharide, beta linking beta-D-mannopyranose 'C6 H12 O6'
FUC L-saccharide, alpha linking alpha-L-fucopyranose 'C6 H12 O5'
GAL D-saccharide, beta linking beta-D-galactopyranose 'C6 H12 O6'
MAN D-saccharide, alpha linking alpha-D-mannopyranose 'C6 H12 O6'
NAG D-saccharide, beta linking 2-acetamido-2-deoxy-beta-D-glucopyranose 'C8 H15 N O6'
#
# COMPACT_ATOMS: atom_id res chain seq x y z
N PRO A 14 -26.37 -6.79 -4.84
CA PRO A 14 -25.97 -6.56 -3.44
C PRO A 14 -26.83 -5.50 -2.73
N ALA A 15 -28.13 -5.77 -2.70
CA ALA A 15 -29.07 -5.11 -1.81
C ALA A 15 -29.52 -6.06 -0.69
N PRO A 16 -29.44 -7.44 -0.98
CA PRO A 16 -29.62 -8.33 0.19
C PRO A 16 -28.39 -8.56 1.10
N GLU A 17 -28.54 -9.26 2.24
CA GLU A 17 -27.58 -9.16 3.36
C GLU A 17 -27.03 -10.38 4.21
N LEU A 18 -26.15 -11.24 3.71
CA LEU A 18 -25.63 -12.31 4.59
C LEU A 18 -24.43 -11.82 5.42
N LEU A 19 -23.94 -12.66 6.34
CA LEU A 19 -23.30 -12.17 7.56
C LEU A 19 -22.86 -13.27 8.54
N GLY A 20 -22.21 -12.84 9.61
CA GLY A 20 -21.69 -13.73 10.64
C GLY A 20 -21.12 -12.91 11.78
N GLY A 21 -21.92 -11.96 12.29
CA GLY A 21 -21.55 -11.16 13.44
C GLY A 21 -20.89 -9.83 13.08
N PRO A 22 -21.04 -8.81 13.95
CA PRO A 22 -20.35 -7.52 13.77
C PRO A 22 -18.83 -7.65 13.73
N SER A 23 -18.18 -6.68 13.09
CA SER A 23 -16.72 -6.62 13.00
C SER A 23 -16.23 -5.24 13.46
N VAL A 24 -15.26 -5.22 14.37
CA VAL A 24 -14.77 -3.97 14.96
C VAL A 24 -13.32 -3.69 14.61
N ALA A 25 -13.05 -2.43 14.28
CA ALA A 25 -11.67 -1.97 14.05
C ALA A 25 -11.42 -0.73 14.87
N LEU A 26 -10.26 -0.68 15.51
CA LEU A 26 -9.89 0.39 16.42
C LEU A 26 -8.70 1.15 15.86
N PHE A 27 -8.91 2.44 15.56
CA PHE A 27 -7.92 3.26 14.89
C PHE A 27 -7.28 4.27 15.83
N PRO A 28 -5.96 4.49 15.68
CA PRO A 28 -5.27 5.44 16.55
C PRO A 28 -5.47 6.88 16.10
N PRO A 29 -5.05 7.84 16.92
CA PRO A 29 -5.13 9.24 16.49
C PRO A 29 -4.12 9.51 15.39
N LYS A 30 -4.37 10.52 14.56
CA LYS A 30 -3.44 10.90 13.51
C LYS A 30 -2.18 11.51 14.12
N PRO A 31 -1.02 11.27 13.49
CA PRO A 31 0.25 11.78 14.00
C PRO A 31 0.21 13.28 14.26
N LYS A 32 -0.43 14.03 13.37
CA LYS A 32 -0.46 15.48 13.45
C LYS A 32 -1.24 16.00 14.66
N ASP A 33 -2.29 15.28 15.06
CA ASP A 33 -3.09 15.68 16.21
C ASP A 33 -2.34 15.44 17.52
N THR A 34 -1.56 14.35 17.59
CA THR A 34 -0.86 13.99 18.82
C THR A 34 0.40 14.84 19.07
N LEU A 35 1.02 15.32 17.99
CA LEU A 35 2.30 16.01 18.08
C LEU A 35 2.17 17.53 18.19
N MET A 36 0.94 18.02 18.28
CA MET A 36 0.69 19.46 18.44
C MET A 36 -0.37 19.70 19.50
N ILE A 37 0.00 20.41 20.56
CA ILE A 37 -0.90 20.60 21.69
C ILE A 37 -2.19 21.33 21.29
N SER A 38 -2.12 22.09 20.21
CA SER A 38 -3.28 22.87 19.76
C SER A 38 -4.39 22.00 19.17
N ARG A 39 -4.03 20.81 18.68
CA ARG A 39 -4.99 19.96 18.00
C ARG A 39 -5.59 18.87 18.90
N THR A 40 -6.62 18.21 18.39
CA THR A 40 -7.43 17.31 19.19
C THR A 40 -7.30 15.87 18.69
N PRO A 41 -6.47 15.05 19.37
CA PRO A 41 -6.31 13.65 18.96
C PRO A 41 -7.46 12.78 19.39
N GLU A 42 -7.94 11.92 18.48
CA GLU A 42 -9.04 11.02 18.78
C GLU A 42 -8.61 9.59 18.55
N VAL A 43 -9.11 8.68 19.38
CA VAL A 43 -9.09 7.26 19.07
C VAL A 43 -10.47 6.90 18.54
N THR A 44 -10.51 6.14 17.44
CA THR A 44 -11.77 5.85 16.77
C THR A 44 -12.05 4.36 16.69
N CYS A 45 -13.19 3.97 17.26
CA CYS A 45 -13.68 2.58 17.25
C CYS A 45 -14.80 2.44 16.23
N VAL A 46 -14.54 1.66 15.19
CA VAL A 46 -15.45 1.53 14.05
C VAL A 46 -16.09 0.14 14.04
N VAL A 47 -17.40 0.08 13.88
CA VAL A 47 -18.12 -1.18 13.79
C VAL A 47 -18.79 -1.33 12.41
N VAL A 48 -18.41 -2.37 11.67
CA VAL A 48 -19.07 -2.69 10.39
C VAL A 48 -19.79 -4.05 10.47
N ASP A 49 -20.54 -4.38 9.41
CA ASP A 49 -21.35 -5.59 9.33
C ASP A 49 -22.40 -5.70 10.43
N VAL A 50 -22.85 -4.54 10.92
CA VAL A 50 -23.94 -4.48 11.88
C VAL A 50 -25.25 -4.73 11.15
N SER A 51 -26.08 -5.62 11.69
CA SER A 51 -27.28 -6.06 10.97
C SER A 51 -28.41 -5.03 11.05
N HIS A 52 -29.24 -4.97 10.02
CA HIS A 52 -30.41 -4.10 10.03
C HIS A 52 -31.41 -4.58 11.09
N GLU A 53 -31.48 -5.89 11.28
CA GLU A 53 -32.38 -6.47 12.28
C GLU A 53 -31.97 -6.03 13.70
N ASP A 54 -30.67 -5.83 13.90
CA ASP A 54 -30.14 -5.39 15.20
C ASP A 54 -29.09 -4.31 14.99
N PRO A 55 -29.54 -3.04 14.86
CA PRO A 55 -28.66 -1.90 14.61
C PRO A 55 -28.11 -1.25 15.88
N GLU A 56 -28.55 -1.68 17.05
CA GLU A 56 -28.10 -1.09 18.31
C GLU A 56 -26.69 -1.58 18.66
N VAL A 57 -25.77 -0.65 18.81
CA VAL A 57 -24.43 -0.96 19.25
C VAL A 57 -24.17 -0.15 20.52
N LYS A 58 -23.49 -0.78 21.47
CA LYS A 58 -23.14 -0.14 22.74
C LYS A 58 -21.63 -0.19 22.93
N PHE A 59 -21.04 0.96 23.24
CA PHE A 59 -19.60 1.08 23.44
C PHE A 59 -19.25 1.37 24.88
N ASN A 60 -18.27 0.64 25.41
CA ASN A 60 -17.62 1.04 26.66
C ASN A 60 -16.16 1.35 26.38
N TRP A 61 -15.66 2.42 26.98
CA TRP A 61 -14.28 2.87 26.78
C TRP A 61 -13.49 2.82 28.08
N TYR A 62 -12.23 2.42 27.96
CA TYR A 62 -11.34 2.34 29.11
C TYR A 62 -9.96 2.87 28.75
N VAL A 63 -9.33 3.48 29.75
CA VAL A 63 -7.94 3.93 29.65
C VAL A 63 -7.17 3.23 30.76
N ASP A 64 -6.30 2.30 30.39
CA ASP A 64 -5.63 1.44 31.36
C ASP A 64 -6.63 0.79 32.32
N GLY A 65 -7.77 0.36 31.78
CA GLY A 65 -8.74 -0.36 32.58
C GLY A 65 -9.82 0.47 33.25
N VAL A 66 -9.57 1.76 33.47
CA VAL A 66 -10.56 2.63 34.10
C VAL A 66 -11.56 3.11 33.06
N GLU A 67 -12.85 2.89 33.32
CA GLU A 67 -13.87 3.33 32.37
C GLU A 67 -13.97 4.85 32.31
N VAL A 68 -14.08 5.36 31.08
CA VAL A 68 -14.20 6.78 30.82
C VAL A 68 -15.54 7.01 30.08
N HIS A 69 -16.04 8.24 30.09
CA HIS A 69 -17.40 8.52 29.63
C HIS A 69 -17.47 9.70 28.65
N ASN A 70 -16.31 10.20 28.25
CA ASN A 70 -16.19 11.36 27.38
C ASN A 70 -16.40 11.04 25.90
N ALA A 71 -16.65 9.79 25.58
CA ALA A 71 -16.75 9.38 24.18
C ALA A 71 -18.06 9.85 23.54
N LYS A 72 -18.02 10.05 22.22
CA LYS A 72 -19.18 10.49 21.47
C LYS A 72 -19.43 9.54 20.29
N THR A 73 -20.60 8.93 20.27
CA THR A 73 -20.97 8.00 19.22
C THR A 73 -21.82 8.69 18.18
N LYS A 74 -21.51 8.44 16.93
CA LYS A 74 -22.16 9.11 15.82
C LYS A 74 -23.28 8.25 15.27
N PRO A 75 -24.25 8.88 14.58
CA PRO A 75 -25.40 8.08 14.13
C PRO A 75 -24.99 7.02 13.11
N ARG A 76 -25.74 5.94 13.09
CA ARG A 76 -25.47 4.83 12.19
C ARG A 76 -25.42 5.29 10.73
N GLU A 77 -24.71 4.54 9.90
CA GLU A 77 -24.52 4.88 8.49
C GLU A 77 -24.82 3.67 7.62
N GLU A 78 -25.95 3.70 6.92
CA GLU A 78 -26.39 2.58 6.09
C GLU A 78 -25.48 2.49 4.87
N GLN A 79 -24.99 1.29 4.59
CA GLN A 79 -24.04 1.06 3.52
C GLN A 79 -24.80 0.41 2.36
N TYR A 80 -24.16 0.23 1.20
CA TYR A 80 -24.90 -0.15 0.00
C TYR A 80 -25.57 -1.51 0.22
N ASN A 81 -24.90 -2.39 0.91
CA ASN A 81 -25.56 -3.52 1.53
C ASN A 81 -26.35 -2.93 2.69
N SER A 82 -27.27 -3.66 3.26
CA SER A 82 -28.08 -3.14 4.36
C SER A 82 -27.27 -2.77 5.57
N THR A 83 -26.18 -3.47 5.80
CA THR A 83 -25.36 -3.35 6.98
C THR A 83 -25.21 -1.90 7.38
N TYR A 84 -25.31 -1.61 8.66
CA TYR A 84 -24.95 -0.29 9.12
C TYR A 84 -23.45 -0.23 9.42
N ARG A 85 -22.94 0.99 9.53
CA ARG A 85 -21.63 1.24 10.09
C ARG A 85 -21.85 2.21 11.23
N VAL A 86 -21.16 1.99 12.34
CA VAL A 86 -21.34 2.81 13.54
C VAL A 86 -19.98 3.20 14.10
N VAL A 87 -19.82 4.48 14.42
CA VAL A 87 -18.53 5.01 14.85
C VAL A 87 -18.62 5.67 16.21
N SER A 88 -17.66 5.35 17.07
CA SER A 88 -17.51 5.98 18.38
C SER A 88 -16.12 6.60 18.48
N VAL A 89 -16.06 7.82 18.99
CA VAL A 89 -14.84 8.61 18.99
C VAL A 89 -14.51 9.08 20.39
N LEU A 90 -13.31 8.73 20.86
CA LEU A 90 -12.84 9.11 22.17
C LEU A 90 -11.65 10.04 22.03
N THR A 91 -11.82 11.28 22.45
CA THR A 91 -10.73 12.24 22.46
C THR A 91 -9.78 11.89 23.58
N VAL A 92 -8.49 11.88 23.29
CA VAL A 92 -7.47 11.48 24.25
C VAL A 92 -6.54 12.64 24.58
N LEU A 93 -5.93 12.58 25.76
CA LEU A 93 -4.94 13.56 26.17
C LEU A 93 -3.61 13.30 25.46
N HIS A 94 -2.99 14.35 24.95
CA HIS A 94 -1.71 14.24 24.26
C HIS A 94 -0.70 13.44 25.08
N GLN A 95 -0.56 13.79 26.35
CA GLN A 95 0.38 13.12 27.26
C GLN A 95 0.05 11.64 27.42
N ASP A 96 -1.24 11.33 27.57
CA ASP A 96 -1.68 9.95 27.79
C ASP A 96 -1.23 9.06 26.65
N TRP A 97 -1.49 9.50 25.42
CA TRP A 97 -1.15 8.70 24.26
C TRP A 97 0.37 8.52 24.15
N LEU A 98 1.09 9.63 24.15
CA LEU A 98 2.53 9.61 23.94
C LEU A 98 3.30 8.95 25.08
N ASN A 99 2.68 8.79 26.25
CA ASN A 99 3.29 8.03 27.34
C ASN A 99 2.84 6.56 27.37
N GLY A 100 2.02 6.16 26.41
CA GLY A 100 1.75 4.75 26.20
C GLY A 100 0.61 4.19 27.03
N LYS A 101 -0.31 5.04 27.45
CA LYS A 101 -1.53 4.56 28.08
C LYS A 101 -2.31 3.76 27.05
N GLU A 102 -3.10 2.80 27.53
CA GLU A 102 -3.78 1.85 26.65
C GLU A 102 -5.28 2.12 26.59
N TYR A 103 -5.80 2.11 25.36
CA TYR A 103 -7.19 2.44 25.10
C TYR A 103 -7.97 1.23 24.64
N LYS A 104 -9.01 0.87 25.41
CA LYS A 104 -9.86 -0.26 25.07
C LYS A 104 -11.25 0.19 24.66
N CYS A 105 -11.70 -0.32 23.52
CA CYS A 105 -13.07 -0.15 23.07
C CYS A 105 -13.82 -1.49 23.20
N LYS A 106 -14.84 -1.51 24.05
CA LYS A 106 -15.71 -2.68 24.20
C LYS A 106 -17.02 -2.48 23.45
N VAL A 107 -17.27 -3.32 22.44
CA VAL A 107 -18.45 -3.20 21.59
C VAL A 107 -19.47 -4.29 21.90
N SER A 108 -20.70 -3.88 22.17
CA SER A 108 -21.78 -4.79 22.53
C SER A 108 -22.92 -4.75 21.51
N ASN A 109 -23.38 -5.93 21.10
CA ASN A 109 -24.41 -6.06 20.08
C ASN A 109 -25.09 -7.43 20.20
N LYS A 110 -26.35 -7.52 19.76
CA LYS A 110 -27.15 -8.72 19.97
C LYS A 110 -26.77 -9.89 19.05
N ALA A 111 -26.15 -9.59 17.91
CA ALA A 111 -25.66 -10.64 17.01
C ALA A 111 -24.33 -11.21 17.51
N LEU A 112 -23.80 -10.64 18.58
CA LEU A 112 -22.55 -11.12 19.18
C LEU A 112 -22.81 -12.03 20.37
N PRO A 113 -22.14 -13.20 20.40
CA PRO A 113 -22.30 -14.10 21.54
C PRO A 113 -21.72 -13.46 22.79
N ALA A 114 -20.76 -12.57 22.59
CA ALA A 114 -20.09 -11.90 23.69
C ALA A 114 -19.50 -10.57 23.22
N PRO A 115 -19.35 -9.60 24.13
CA PRO A 115 -18.80 -8.27 23.78
C PRO A 115 -17.46 -8.40 23.10
N ILE A 116 -17.19 -7.60 22.06
CA ILE A 116 -15.86 -7.56 21.45
C ILE A 116 -15.03 -6.48 22.09
N GLU A 117 -13.81 -6.84 22.44
CA GLU A 117 -12.85 -5.90 23.02
C GLU A 117 -11.68 -5.72 22.06
N LYS A 118 -11.28 -4.47 21.88
CA LYS A 118 -10.07 -4.17 21.12
C LYS A 118 -9.28 -3.17 21.90
N THR A 119 -7.97 -3.28 21.85
CA THR A 119 -7.08 -2.35 22.54
C THR A 119 -6.12 -1.75 21.54
N ILE A 120 -5.66 -0.54 21.86
CA ILE A 120 -4.68 0.12 21.04
C ILE A 120 -3.88 1.06 21.93
N SER A 121 -2.62 1.26 21.57
CA SER A 121 -1.75 2.21 22.26
C SER A 121 -0.55 2.50 21.38
N LYS A 122 0.30 3.42 21.81
CA LYS A 122 1.45 3.81 21.02
C LYS A 122 2.38 2.63 20.80
N ALA A 123 3.14 2.66 19.71
CA ALA A 123 4.11 1.61 19.44
C ALA A 123 5.18 1.62 20.52
N LYS A 124 5.38 0.46 21.13
CA LYS A 124 6.53 0.25 22.00
C LYS A 124 7.68 0.05 21.02
N GLY A 125 8.90 -0.01 21.51
CA GLY A 125 10.01 -0.17 20.59
C GLY A 125 10.60 1.19 20.35
N GLN A 126 11.93 1.24 20.38
CA GLN A 126 12.63 2.51 20.48
C GLN A 126 12.31 3.47 19.35
N PRO A 127 11.86 4.68 19.70
CA PRO A 127 11.69 5.68 18.65
C PRO A 127 13.00 5.97 17.96
N ARG A 128 12.94 6.20 16.64
CA ARG A 128 14.11 6.64 15.88
C ARG A 128 13.76 7.91 15.09
N GLU A 129 14.66 8.88 15.14
CA GLU A 129 14.46 10.16 14.50
C GLU A 129 14.44 10.04 12.97
N PRO A 130 13.44 10.64 12.30
CA PRO A 130 13.53 10.63 10.83
C PRO A 130 14.66 11.50 10.29
N GLN A 131 15.30 11.05 9.21
CA GLN A 131 16.22 11.88 8.46
C GLN A 131 15.47 12.41 7.27
N VAL A 132 15.55 13.72 7.05
CA VAL A 132 14.80 14.34 5.97
C VAL A 132 15.72 14.87 4.87
N TYR A 133 15.51 14.37 3.66
CA TYR A 133 16.30 14.78 2.50
C TYR A 133 15.35 15.18 1.38
N THR A 134 15.50 16.42 0.93
CA THR A 134 14.76 16.90 -0.23
C THR A 134 15.63 16.69 -1.46
N LEU A 135 15.01 16.29 -2.56
CA LEU A 135 15.76 15.95 -3.77
C LEU A 135 15.18 16.71 -4.94
N PRO A 136 16.03 17.49 -5.64
CA PRO A 136 15.51 18.28 -6.76
C PRO A 136 15.05 17.40 -7.92
N PRO A 137 14.36 17.99 -8.90
CA PRO A 137 13.93 17.21 -10.06
C PRO A 137 15.11 16.70 -10.87
N SER A 138 14.94 15.54 -11.49
CA SER A 138 15.95 15.03 -12.42
C SER A 138 16.09 15.99 -13.58
N ARG A 139 17.31 16.12 -14.09
CA ARG A 139 17.55 16.93 -15.28
C ARG A 139 16.58 16.52 -16.38
N ASP A 140 16.38 15.20 -16.50
CA ASP A 140 15.56 14.66 -17.57
C ASP A 140 14.11 15.09 -17.44
N GLU A 141 13.71 15.50 -16.25
CA GLU A 141 12.32 15.92 -16.04
C GLU A 141 12.11 17.38 -16.48
N LEU A 142 13.20 18.11 -16.68
CA LEU A 142 13.11 19.52 -17.11
C LEU A 142 12.60 19.65 -18.54
N THR A 143 12.46 18.53 -19.24
CA THR A 143 11.88 18.55 -20.58
C THR A 143 10.36 18.64 -20.50
N LYS A 144 9.83 18.59 -19.28
CA LYS A 144 8.39 18.49 -19.06
C LYS A 144 7.83 19.81 -18.50
N ASN A 145 6.50 19.94 -18.52
CA ASN A 145 5.85 21.18 -18.14
C ASN A 145 5.74 21.31 -16.62
N GLN A 146 5.60 20.17 -15.95
CA GLN A 146 5.57 20.14 -14.48
C GLN A 146 6.69 19.25 -13.97
N VAL A 147 7.25 19.59 -12.82
CA VAL A 147 8.39 18.86 -12.27
C VAL A 147 8.08 18.31 -10.89
N SER A 148 8.84 17.28 -10.52
CA SER A 148 8.65 16.57 -9.28
C SER A 148 9.69 16.98 -8.23
N LEU A 149 9.19 17.43 -7.09
CA LEU A 149 10.05 17.73 -5.96
C LEU A 149 9.90 16.61 -4.94
N THR A 150 11.01 15.96 -4.61
CA THR A 150 10.97 14.78 -3.75
C THR A 150 11.45 15.08 -2.35
N CYS A 151 10.73 14.54 -1.38
CA CYS A 151 11.17 14.54 0.00
C CYS A 151 11.29 13.09 0.44
N LEU A 152 12.52 12.69 0.73
CA LEU A 152 12.79 11.38 1.29
C LEU A 152 12.90 11.49 2.81
N VAL A 153 12.04 10.73 3.50
CA VAL A 153 12.08 10.67 4.96
C VAL A 153 12.36 9.21 5.34
N LYS A 154 13.52 8.95 5.95
CA LYS A 154 13.96 7.58 6.22
C LYS A 154 14.47 7.39 7.64
N GLY A 155 14.65 6.13 8.03
CA GLY A 155 15.25 5.78 9.30
C GLY A 155 14.38 6.04 10.52
N PHE A 156 13.06 6.15 10.33
CA PHE A 156 12.19 6.51 11.44
C PHE A 156 11.42 5.34 12.04
N TYR A 157 11.13 5.51 13.33
CA TYR A 157 10.30 4.59 14.09
C TYR A 157 9.67 5.38 15.23
N PRO A 158 8.38 5.15 15.50
CA PRO A 158 7.43 4.30 14.79
C PRO A 158 6.96 4.91 13.46
N SER A 159 6.04 4.24 12.77
CA SER A 159 5.69 4.61 11.42
C SER A 159 4.78 5.82 11.36
N ASP A 160 4.14 6.15 12.49
CA ASP A 160 3.24 7.28 12.55
C ASP A 160 4.01 8.57 12.26
N ILE A 161 3.58 9.30 11.25
CA ILE A 161 4.33 10.44 10.78
C ILE A 161 3.43 11.29 9.89
N ALA A 162 3.73 12.58 9.83
CA ALA A 162 3.01 13.50 8.96
C ALA A 162 4.02 14.33 8.18
N VAL A 163 3.79 14.42 6.88
CA VAL A 163 4.66 15.16 5.98
C VAL A 163 3.80 16.12 5.17
N GLU A 164 4.20 17.39 5.12
CA GLU A 164 3.46 18.38 4.33
C GLU A 164 4.43 19.29 3.57
N TRP A 165 3.92 20.01 2.58
CA TRP A 165 4.77 20.90 1.78
C TRP A 165 4.25 22.30 1.88
N GLU A 166 5.16 23.26 1.72
CA GLU A 166 4.79 24.65 1.63
C GLU A 166 5.83 25.44 0.87
N SER A 167 5.45 26.67 0.56
CA SER A 167 6.33 27.64 -0.06
C SER A 167 5.90 29.02 0.40
N ASN A 168 6.86 29.79 0.88
CA ASN A 168 6.64 31.18 1.26
C ASN A 168 5.45 31.38 2.19
N GLY A 169 5.39 30.58 3.25
CA GLY A 169 4.40 30.74 4.29
C GLY A 169 3.03 30.18 3.97
N GLN A 170 2.87 29.61 2.78
CA GLN A 170 1.59 29.09 2.33
C GLN A 170 1.71 27.58 2.09
N PRO A 171 0.65 26.82 2.42
CA PRO A 171 0.71 25.39 2.10
C PRO A 171 0.77 25.11 0.59
N GLU A 172 1.54 24.10 0.22
CA GLU A 172 1.60 23.59 -1.15
C GLU A 172 1.02 22.17 -1.14
N ASN A 173 -0.16 22.00 -1.72
CA ASN A 173 -0.92 20.78 -1.49
C ASN A 173 -1.05 19.84 -2.67
N ASN A 174 -0.37 20.17 -3.77
CA ASN A 174 -0.38 19.33 -4.96
C ASN A 174 0.65 18.20 -4.84
N TYR A 175 0.58 17.45 -3.74
CA TYR A 175 1.49 16.33 -3.53
C TYR A 175 0.77 15.06 -3.16
N LYS A 176 1.49 13.95 -3.33
CA LYS A 176 1.10 12.64 -2.81
C LYS A 176 2.27 12.07 -2.03
N THR A 177 1.95 11.33 -0.98
CA THR A 177 2.96 10.73 -0.12
C THR A 177 2.75 9.22 -0.06
N THR A 178 3.84 8.46 -0.17
CA THR A 178 3.75 7.02 -0.15
C THR A 178 3.46 6.56 1.28
N PRO A 179 2.94 5.34 1.43
CA PRO A 179 2.84 4.80 2.79
C PRO A 179 4.23 4.57 3.35
N PRO A 180 4.36 4.49 4.68
CA PRO A 180 5.65 4.08 5.24
C PRO A 180 6.00 2.65 4.79
N VAL A 181 7.25 2.44 4.39
CA VAL A 181 7.73 1.13 4.01
C VAL A 181 8.75 0.65 5.04
N LEU A 182 8.65 -0.60 5.44
CA LEU A 182 9.62 -1.19 6.35
C LEU A 182 10.96 -1.34 5.62
N ASP A 183 12.00 -0.71 6.17
CA ASP A 183 13.34 -0.84 5.60
C ASP A 183 14.03 -2.06 6.17
N SER A 184 15.20 -2.37 5.62
CA SER A 184 15.88 -3.62 5.97
C SER A 184 16.50 -3.61 7.37
N ASP A 185 16.59 -2.44 8.00
CA ASP A 185 17.14 -2.33 9.34
C ASP A 185 16.05 -2.13 10.39
N GLY A 186 14.79 -2.33 10.00
CA GLY A 186 13.68 -2.33 10.95
C GLY A 186 13.05 -0.96 11.16
N SER A 187 13.60 0.06 10.51
CA SER A 187 13.00 1.40 10.58
C SER A 187 12.07 1.60 9.38
N PHE A 188 11.42 2.75 9.31
CA PHE A 188 10.53 3.03 8.20
C PHE A 188 11.09 4.14 7.33
N PHE A 189 10.64 4.18 6.07
CA PHE A 189 10.88 5.32 5.19
C PHE A 189 9.67 5.58 4.30
N LEU A 190 9.59 6.79 3.76
CA LEU A 190 8.59 7.10 2.75
C LEU A 190 9.13 8.18 1.85
N TYR A 191 8.39 8.46 0.79
CA TYR A 191 8.71 9.54 -0.12
C TYR A 191 7.47 10.39 -0.29
N SER A 192 7.65 11.70 -0.35
CA SER A 192 6.57 12.61 -0.71
C SER A 192 6.95 13.33 -2.00
N LYS A 193 6.02 13.34 -2.94
CA LYS A 193 6.24 13.99 -4.23
C LYS A 193 5.29 15.17 -4.41
N LEU A 194 5.85 16.38 -4.45
CA LEU A 194 5.12 17.60 -4.76
C LEU A 194 5.33 17.95 -6.22
N THR A 195 4.24 18.14 -6.96
CA THR A 195 4.31 18.53 -8.36
C THR A 195 4.07 20.02 -8.49
N VAL A 196 5.01 20.72 -9.14
CA VAL A 196 4.90 22.16 -9.37
C VAL A 196 5.15 22.50 -10.83
N ASP A 197 4.57 23.60 -11.31
CA ASP A 197 4.85 24.12 -12.64
C ASP A 197 6.34 24.40 -12.75
N LYS A 198 6.94 23.97 -13.86
CA LYS A 198 8.38 24.12 -14.03
C LYS A 198 8.80 25.59 -13.91
N SER A 199 7.90 26.47 -14.32
CA SER A 199 8.15 27.88 -14.27
C SER A 199 8.40 28.33 -12.83
N ARG A 200 7.67 27.74 -11.88
CA ARG A 200 7.82 28.12 -10.48
C ARG A 200 9.14 27.63 -9.91
N TRP A 201 9.57 26.45 -10.37
CA TRP A 201 10.88 25.95 -10.00
C TRP A 201 11.96 26.84 -10.59
N GLN A 202 11.86 27.12 -11.89
CA GLN A 202 12.86 27.93 -12.59
C GLN A 202 12.92 29.35 -12.03
N GLN A 203 11.80 29.84 -11.52
CA GLN A 203 11.73 31.18 -10.93
C GLN A 203 12.52 31.28 -9.61
N GLY A 204 13.08 30.17 -9.16
CA GLY A 204 13.85 30.16 -7.94
C GLY A 204 13.03 30.21 -6.66
N ASN A 205 11.74 29.86 -6.74
CA ASN A 205 10.92 29.77 -5.54
C ASN A 205 11.39 28.67 -4.59
N VAL A 206 11.36 28.97 -3.31
CA VAL A 206 11.85 28.06 -2.30
C VAL A 206 10.70 27.23 -1.76
N PHE A 207 10.78 25.91 -1.94
CA PHE A 207 9.77 25.01 -1.41
C PHE A 207 10.32 24.31 -0.19
N SER A 208 9.43 23.82 0.66
CA SER A 208 9.83 23.27 1.92
C SER A 208 9.00 22.05 2.26
N CYS A 209 9.69 21.00 2.66
CA CYS A 209 9.08 19.77 3.12
C CYS A 209 9.03 19.82 4.64
N SER A 210 7.83 19.70 5.21
CA SER A 210 7.59 19.77 6.66
C SER A 210 7.30 18.39 7.23
N VAL A 211 8.02 18.01 8.27
CA VAL A 211 7.88 16.68 8.86
C VAL A 211 7.62 16.73 10.35
N MET A 212 6.56 16.04 10.76
CA MET A 212 6.20 15.93 12.16
C MET A 212 6.27 14.48 12.63
N HIS A 213 7.03 14.26 13.70
CA HIS A 213 7.25 12.93 14.24
C HIS A 213 7.70 12.99 15.72
N GLU A 214 7.34 12.00 16.51
CA GLU A 214 7.54 12.05 17.94
C GLU A 214 9.02 12.13 18.35
N ALA A 215 9.89 11.55 17.54
CA ALA A 215 11.33 11.51 17.85
C ALA A 215 12.10 12.75 17.37
N LEU A 216 11.40 13.73 16.82
CA LEU A 216 12.04 14.98 16.41
C LEU A 216 11.97 16.01 17.53
N HIS A 217 12.98 16.87 17.62
CA HIS A 217 12.95 17.97 18.57
C HIS A 217 11.79 18.88 18.21
N ASN A 218 11.05 19.31 19.23
CA ASN A 218 9.81 20.07 19.01
C ASN A 218 8.83 19.31 18.11
N HIS A 219 9.06 18.01 17.92
CA HIS A 219 8.19 17.15 17.10
C HIS A 219 8.09 17.65 15.68
N TYR A 220 9.07 18.44 15.25
CA TYR A 220 8.94 19.17 14.00
C TYR A 220 10.28 19.52 13.41
N THR A 221 10.39 19.37 12.10
CA THR A 221 11.53 19.86 11.36
C THR A 221 11.13 20.18 9.92
N GLN A 222 11.86 21.08 9.28
CA GLN A 222 11.67 21.33 7.86
C GLN A 222 12.98 21.37 7.08
N LYS A 223 12.91 20.86 5.85
CA LYS A 223 14.00 20.93 4.91
C LYS A 223 13.51 21.62 3.64
N SER A 224 14.33 22.52 3.12
CA SER A 224 13.94 23.35 1.99
C SER A 224 14.60 22.84 0.71
N LEU A 225 14.09 23.32 -0.42
CA LEU A 225 14.49 22.84 -1.73
C LEU A 225 14.24 23.97 -2.73
N SER A 226 15.25 24.29 -3.52
CA SER A 226 15.14 25.34 -4.52
C SER A 226 16.25 25.20 -5.55
N LEU A 227 16.03 25.78 -6.72
CA LEU A 227 16.96 25.71 -7.84
C LEU A 227 18.41 26.04 -7.47
N GLY B 21 -19.68 -24.38 2.58
CA GLY B 21 -19.55 -24.68 1.16
C GLY B 21 -18.21 -24.22 0.59
N PRO B 22 -17.84 -24.73 -0.60
CA PRO B 22 -16.57 -24.39 -1.25
C PRO B 22 -16.40 -22.91 -1.57
N SER B 23 -15.17 -22.43 -1.49
CA SER B 23 -14.85 -21.05 -1.83
C SER B 23 -13.74 -21.00 -2.88
N VAL B 24 -13.86 -20.08 -3.83
CA VAL B 24 -12.96 -20.02 -4.97
C VAL B 24 -12.30 -18.65 -5.08
N ALA B 25 -10.97 -18.65 -5.13
CA ALA B 25 -10.20 -17.46 -5.44
C ALA B 25 -9.46 -17.72 -6.74
N LEU B 26 -9.33 -16.68 -7.55
CA LEU B 26 -8.68 -16.77 -8.85
C LEU B 26 -7.56 -15.73 -8.92
N PHE B 27 -6.35 -16.19 -9.23
CA PHE B 27 -5.16 -15.34 -9.12
C PHE B 27 -4.47 -15.09 -10.47
N PRO B 28 -4.04 -13.84 -10.70
CA PRO B 28 -3.41 -13.46 -11.96
C PRO B 28 -1.94 -13.86 -12.01
N PRO B 29 -1.34 -13.83 -13.20
CA PRO B 29 0.09 -14.11 -13.33
C PRO B 29 0.91 -12.97 -12.77
N LYS B 30 2.19 -13.24 -12.54
CA LYS B 30 3.08 -12.21 -12.02
C LYS B 30 3.50 -11.31 -13.17
N PRO B 31 3.57 -10.00 -12.94
CA PRO B 31 4.01 -9.09 -14.01
C PRO B 31 5.29 -9.53 -14.74
N LYS B 32 6.29 -10.01 -14.02
CA LYS B 32 7.54 -10.43 -14.67
C LYS B 32 7.34 -11.60 -15.62
N ASP B 33 6.33 -12.44 -15.35
CA ASP B 33 6.03 -13.56 -16.23
C ASP B 33 5.35 -13.10 -17.51
N THR B 34 4.47 -12.11 -17.39
CA THR B 34 3.73 -11.62 -18.56
C THR B 34 4.57 -10.71 -19.45
N LEU B 35 5.58 -10.06 -18.88
CA LEU B 35 6.33 -9.05 -19.61
C LEU B 35 7.53 -9.63 -20.37
N MET B 36 7.95 -10.81 -19.95
CA MET B 36 9.07 -11.49 -20.58
C MET B 36 8.63 -12.77 -21.29
N ILE B 37 8.88 -12.82 -22.60
CA ILE B 37 8.38 -13.92 -23.43
C ILE B 37 8.96 -15.27 -23.04
N SER B 38 10.20 -15.29 -22.56
CA SER B 38 10.88 -16.54 -22.24
C SER B 38 10.37 -17.17 -20.94
N ARG B 39 9.49 -16.46 -20.23
CA ARG B 39 8.92 -16.95 -18.99
C ARG B 39 7.49 -17.45 -19.24
N THR B 40 6.94 -18.17 -18.26
CA THR B 40 5.61 -18.76 -18.38
C THR B 40 4.63 -18.15 -17.38
N PRO B 41 3.73 -17.26 -17.85
CA PRO B 41 2.73 -16.74 -16.91
C PRO B 41 1.58 -17.71 -16.73
N GLU B 42 1.03 -17.75 -15.51
CA GLU B 42 -0.06 -18.69 -15.20
C GLU B 42 -1.16 -17.99 -14.42
N VAL B 43 -2.40 -18.42 -14.66
CA VAL B 43 -3.54 -18.04 -13.84
C VAL B 43 -3.87 -19.22 -12.92
N THR B 44 -4.23 -18.92 -11.67
CA THR B 44 -4.39 -19.97 -10.66
C THR B 44 -5.75 -19.92 -9.95
N CYS B 45 -6.50 -21.00 -10.11
CA CYS B 45 -7.80 -21.15 -9.44
C CYS B 45 -7.57 -22.01 -8.20
N VAL B 46 -7.92 -21.45 -7.05
CA VAL B 46 -7.74 -22.15 -5.78
C VAL B 46 -9.09 -22.33 -5.11
N VAL B 47 -9.47 -23.58 -4.89
CA VAL B 47 -10.70 -23.90 -4.18
C VAL B 47 -10.36 -24.33 -2.75
N VAL B 48 -11.09 -23.80 -1.78
CA VAL B 48 -10.95 -24.25 -0.40
C VAL B 48 -12.32 -24.61 0.18
N ASP B 49 -12.32 -25.04 1.44
CA ASP B 49 -13.54 -25.44 2.14
C ASP B 49 -14.29 -26.52 1.35
N VAL B 50 -13.53 -27.42 0.73
CA VAL B 50 -14.09 -28.58 0.08
C VAL B 50 -14.32 -29.64 1.16
N SER B 51 -15.54 -30.17 1.21
CA SER B 51 -15.97 -31.04 2.30
C SER B 51 -15.39 -32.44 2.21
N HIS B 52 -15.26 -33.09 3.35
CA HIS B 52 -15.02 -34.52 3.37
C HIS B 52 -16.20 -35.24 2.73
N GLU B 53 -17.39 -34.67 2.91
CA GLU B 53 -18.62 -35.26 2.39
C GLU B 53 -18.73 -35.16 0.87
N ASP B 54 -18.13 -34.10 0.32
CA ASP B 54 -18.08 -33.90 -1.13
C ASP B 54 -16.69 -33.42 -1.51
N PRO B 55 -15.74 -34.35 -1.63
CA PRO B 55 -14.34 -34.00 -1.90
C PRO B 55 -14.03 -33.75 -3.37
N GLU B 56 -14.95 -34.12 -4.25
CA GLU B 56 -14.68 -34.15 -5.69
C GLU B 56 -15.01 -32.81 -6.34
N VAL B 57 -14.10 -32.31 -7.15
CA VAL B 57 -14.19 -30.96 -7.70
C VAL B 57 -13.84 -30.99 -9.19
N LYS B 58 -14.59 -30.25 -10.00
CA LYS B 58 -14.32 -30.17 -11.43
C LYS B 58 -14.05 -28.74 -11.87
N PHE B 59 -13.05 -28.57 -12.71
CA PHE B 59 -12.66 -27.26 -13.21
C PHE B 59 -12.95 -27.17 -14.70
N ASN B 60 -13.67 -26.13 -15.10
CA ASN B 60 -13.70 -25.73 -16.51
C ASN B 60 -13.04 -24.37 -16.66
N TRP B 61 -12.26 -24.21 -17.71
CA TRP B 61 -11.54 -22.97 -17.96
C TRP B 61 -11.98 -22.37 -19.27
N TYR B 62 -12.14 -21.06 -19.30
CA TYR B 62 -12.50 -20.36 -20.53
C TYR B 62 -11.63 -19.13 -20.70
N VAL B 63 -11.27 -18.86 -21.95
CA VAL B 63 -10.57 -17.66 -22.34
C VAL B 63 -11.47 -16.91 -23.32
N ASP B 64 -11.97 -15.75 -22.90
CA ASP B 64 -13.02 -15.02 -23.62
C ASP B 64 -14.17 -15.94 -23.98
N GLY B 65 -14.59 -16.76 -23.04
CA GLY B 65 -15.73 -17.65 -23.25
C GLY B 65 -15.40 -18.89 -24.05
N VAL B 66 -14.21 -18.91 -24.66
CA VAL B 66 -13.76 -20.08 -25.39
C VAL B 66 -13.11 -21.06 -24.42
N GLU B 67 -13.72 -22.23 -24.26
CA GLU B 67 -13.19 -23.22 -23.35
C GLU B 67 -11.85 -23.77 -23.84
N VAL B 68 -10.94 -23.98 -22.89
CA VAL B 68 -9.63 -24.53 -23.19
C VAL B 68 -9.40 -25.74 -22.28
N HIS B 69 -8.54 -26.66 -22.68
CA HIS B 69 -8.46 -27.95 -22.00
C HIS B 69 -7.05 -28.35 -21.54
N ASN B 70 -6.12 -27.39 -21.50
CA ASN B 70 -4.74 -27.70 -21.11
C ASN B 70 -4.35 -27.18 -19.71
N ALA B 71 -5.33 -27.06 -18.82
CA ALA B 71 -5.02 -26.66 -17.46
C ALA B 71 -4.46 -27.86 -16.71
N LYS B 72 -3.52 -27.63 -15.79
CA LYS B 72 -3.01 -28.70 -14.93
C LYS B 72 -3.65 -28.57 -13.55
N THR B 73 -4.52 -29.53 -13.24
CA THR B 73 -5.21 -29.55 -11.97
C THR B 73 -4.45 -30.49 -11.05
N LYS B 74 -4.22 -30.05 -9.82
CA LYS B 74 -3.43 -30.82 -8.88
C LYS B 74 -4.29 -31.64 -7.94
N PRO B 75 -3.71 -32.71 -7.37
CA PRO B 75 -4.52 -33.51 -6.47
C PRO B 75 -4.89 -32.72 -5.22
N ARG B 76 -6.08 -32.98 -4.67
CA ARG B 76 -6.56 -32.26 -3.51
C ARG B 76 -5.68 -32.52 -2.28
N GLU B 77 -5.64 -31.55 -1.38
CA GLU B 77 -4.81 -31.63 -0.19
C GLU B 77 -5.60 -31.22 1.04
N GLU B 78 -5.76 -32.14 1.97
CA GLU B 78 -6.42 -31.82 3.23
C GLU B 78 -5.59 -30.80 4.00
N GLN B 79 -6.25 -29.75 4.49
CA GLN B 79 -5.60 -28.74 5.32
C GLN B 79 -5.75 -29.12 6.79
N TYR B 80 -5.04 -28.42 7.67
CA TYR B 80 -5.00 -28.79 9.08
C TYR B 80 -6.29 -28.49 9.89
N ASN B 81 -7.34 -28.12 9.18
CA ASN B 81 -8.66 -27.89 9.73
C ASN B 81 -9.67 -28.87 9.16
N SER B 82 -9.17 -29.97 8.62
CA SER B 82 -9.95 -31.02 7.96
C SER B 82 -10.78 -30.62 6.76
N THR B 83 -10.26 -29.72 5.96
CA THR B 83 -10.92 -29.32 4.74
C THR B 83 -9.94 -29.48 3.57
N TYR B 84 -10.45 -29.76 2.39
CA TYR B 84 -9.56 -29.92 1.24
C TYR B 84 -9.31 -28.62 0.52
N ARG B 85 -8.20 -28.63 -0.22
CA ARG B 85 -7.81 -27.52 -1.05
C ARG B 85 -7.46 -28.13 -2.40
N VAL B 86 -8.00 -27.56 -3.46
CA VAL B 86 -7.71 -28.03 -4.80
C VAL B 86 -7.27 -26.84 -5.62
N VAL B 87 -6.15 -27.00 -6.31
CA VAL B 87 -5.59 -25.95 -7.13
C VAL B 87 -5.57 -26.39 -8.58
N SER B 88 -5.98 -25.48 -9.47
CA SER B 88 -5.83 -25.70 -10.89
C SER B 88 -5.12 -24.51 -11.48
N VAL B 89 -4.22 -24.81 -12.42
CA VAL B 89 -3.28 -23.83 -12.95
C VAL B 89 -3.40 -23.82 -14.46
N LEU B 90 -3.61 -22.65 -15.03
CA LEU B 90 -3.68 -22.51 -16.48
C LEU B 90 -2.56 -21.60 -16.98
N THR B 91 -1.70 -22.15 -17.83
CA THR B 91 -0.70 -21.36 -18.54
C THR B 91 -1.42 -20.43 -19.50
N VAL B 92 -0.99 -19.17 -19.56
CA VAL B 92 -1.55 -18.20 -20.50
C VAL B 92 -0.51 -17.68 -21.50
N LEU B 93 -0.99 -17.38 -22.70
CA LEU B 93 -0.16 -16.73 -23.71
C LEU B 93 0.03 -15.27 -23.34
N HIS B 94 1.26 -14.77 -23.46
CA HIS B 94 1.57 -13.40 -23.09
C HIS B 94 0.66 -12.39 -23.78
N GLN B 95 0.56 -12.51 -25.09
CA GLN B 95 -0.25 -11.57 -25.88
C GLN B 95 -1.71 -11.57 -25.44
N ASP B 96 -2.24 -12.73 -25.09
CA ASP B 96 -3.64 -12.83 -24.68
C ASP B 96 -3.89 -12.04 -23.42
N TRP B 97 -3.02 -12.24 -22.43
CA TRP B 97 -3.16 -11.54 -21.17
C TRP B 97 -3.05 -10.04 -21.39
N LEU B 98 -2.04 -9.63 -22.15
CA LEU B 98 -1.77 -8.22 -22.38
C LEU B 98 -2.82 -7.54 -23.25
N ASN B 99 -3.47 -8.30 -24.12
CA ASN B 99 -4.56 -7.75 -24.93
C ASN B 99 -5.88 -7.74 -24.16
N GLY B 100 -5.83 -8.08 -22.88
CA GLY B 100 -7.00 -7.94 -22.02
C GLY B 100 -8.04 -9.04 -22.11
N LYS B 101 -7.63 -10.24 -22.50
CA LYS B 101 -8.55 -11.37 -22.53
C LYS B 101 -9.00 -11.78 -21.13
N GLU B 102 -10.24 -12.25 -21.03
CA GLU B 102 -10.82 -12.65 -19.77
C GLU B 102 -10.65 -14.12 -19.51
N TYR B 103 -10.15 -14.43 -18.32
CA TYR B 103 -9.86 -15.79 -17.92
C TYR B 103 -10.83 -16.22 -16.85
N LYS B 104 -11.59 -17.28 -17.13
CA LYS B 104 -12.67 -17.70 -16.25
C LYS B 104 -12.48 -19.12 -15.75
N CYS B 105 -12.52 -19.25 -14.43
CA CYS B 105 -12.48 -20.55 -13.78
C CYS B 105 -13.89 -20.89 -13.29
N LYS B 106 -14.44 -21.98 -13.82
CA LYS B 106 -15.74 -22.49 -13.40
C LYS B 106 -15.52 -23.73 -12.53
N VAL B 107 -16.03 -23.69 -11.30
CA VAL B 107 -15.80 -24.77 -10.34
C VAL B 107 -17.10 -25.51 -10.02
N SER B 108 -17.15 -26.79 -10.38
CA SER B 108 -18.34 -27.61 -10.13
C SER B 108 -18.11 -28.60 -9.00
N ASN B 109 -19.12 -28.70 -8.13
CA ASN B 109 -19.09 -29.58 -6.97
C ASN B 109 -20.52 -30.03 -6.66
N LYS B 110 -20.69 -31.26 -6.21
CA LYS B 110 -22.00 -31.83 -5.92
C LYS B 110 -22.74 -31.02 -4.86
N ALA B 111 -21.98 -30.30 -4.04
CA ALA B 111 -22.56 -29.47 -2.99
C ALA B 111 -22.92 -28.06 -3.49
N LEU B 112 -22.58 -27.77 -4.74
CA LEU B 112 -22.92 -26.49 -5.35
C LEU B 112 -24.15 -26.66 -6.24
N PRO B 113 -25.27 -25.98 -5.90
CA PRO B 113 -26.41 -26.12 -6.79
C PRO B 113 -26.11 -25.54 -8.17
N ALA B 114 -25.31 -24.48 -8.21
CA ALA B 114 -24.77 -23.96 -9.46
C ALA B 114 -23.24 -23.82 -9.32
N PRO B 115 -22.51 -24.05 -10.42
CA PRO B 115 -21.05 -23.89 -10.41
C PRO B 115 -20.61 -22.49 -9.97
N ILE B 116 -19.54 -22.41 -9.20
CA ILE B 116 -18.92 -21.11 -8.93
C ILE B 116 -18.08 -20.67 -10.12
N GLU B 117 -18.20 -19.38 -10.44
CA GLU B 117 -17.44 -18.77 -11.53
C GLU B 117 -16.69 -17.54 -11.03
N LYS B 118 -15.39 -17.50 -11.31
CA LYS B 118 -14.61 -16.29 -11.10
C LYS B 118 -13.94 -15.95 -12.42
N THR B 119 -13.83 -14.66 -12.69
CA THR B 119 -13.20 -14.16 -13.89
C THR B 119 -12.16 -13.10 -13.52
N ILE B 120 -11.03 -13.13 -14.22
CA ILE B 120 -10.03 -12.08 -14.07
C ILE B 120 -9.42 -11.71 -15.42
N SER B 121 -8.78 -10.55 -15.44
CA SER B 121 -8.04 -10.08 -16.59
C SER B 121 -7.13 -8.95 -16.13
N LYS B 122 -6.32 -8.41 -17.02
CA LYS B 122 -5.50 -7.25 -16.69
C LYS B 122 -6.43 -6.09 -16.34
N ALA B 123 -5.92 -5.11 -15.60
CA ALA B 123 -6.64 -3.88 -15.32
C ALA B 123 -7.01 -3.20 -16.62
N LYS B 124 -8.26 -2.78 -16.72
CA LYS B 124 -8.72 -2.12 -17.93
C LYS B 124 -8.43 -0.63 -17.82
N GLY B 125 -8.28 0.00 -18.97
CA GLY B 125 -7.95 1.40 -19.02
C GLY B 125 -6.84 1.61 -20.00
N GLN B 126 -6.73 2.83 -20.50
CA GLN B 126 -5.67 3.20 -21.42
C GLN B 126 -4.32 2.97 -20.74
N PRO B 127 -3.53 2.00 -21.22
CA PRO B 127 -2.21 1.85 -20.60
C PRO B 127 -1.36 3.10 -20.76
N ARG B 128 -0.57 3.44 -19.75
CA ARG B 128 0.30 4.61 -19.83
C ARG B 128 1.72 4.26 -19.47
N GLU B 129 2.66 4.85 -20.20
CA GLU B 129 4.08 4.57 -20.05
C GLU B 129 4.68 5.26 -18.82
N PRO B 130 5.45 4.52 -18.01
CA PRO B 130 6.12 5.19 -16.89
C PRO B 130 7.22 6.12 -17.37
N GLN B 131 7.42 7.22 -16.66
CA GLN B 131 8.63 8.02 -16.78
C GLN B 131 9.53 7.61 -15.63
N VAL B 132 10.82 7.43 -15.93
CA VAL B 132 11.78 6.94 -14.94
C VAL B 132 12.86 7.99 -14.75
N TYR B 133 13.06 8.38 -13.50
CA TYR B 133 14.07 9.36 -13.13
C TYR B 133 14.87 8.87 -11.93
N THR B 134 16.19 8.92 -12.04
CA THR B 134 17.06 8.54 -10.96
C THR B 134 17.53 9.81 -10.26
N LEU B 135 17.50 9.81 -8.92
CA LEU B 135 17.90 10.98 -8.14
C LEU B 135 19.09 10.65 -7.23
N PRO B 136 20.19 11.43 -7.33
CA PRO B 136 21.34 11.18 -6.47
C PRO B 136 21.03 11.47 -5.01
N PRO B 137 21.91 11.06 -4.10
CA PRO B 137 21.66 11.36 -2.69
C PRO B 137 21.74 12.85 -2.42
N SER B 138 20.98 13.30 -1.43
CA SER B 138 21.03 14.68 -0.99
C SER B 138 22.41 14.96 -0.39
N ARG B 139 22.89 16.18 -0.57
CA ARG B 139 24.18 16.59 0.00
C ARG B 139 24.19 16.34 1.51
N ASP B 140 23.06 16.56 2.16
CA ASP B 140 22.95 16.33 3.59
C ASP B 140 23.23 14.88 3.98
N GLU B 141 22.93 13.94 3.09
CA GLU B 141 23.12 12.53 3.40
C GLU B 141 24.59 12.12 3.32
N LEU B 142 25.41 12.92 2.65
CA LEU B 142 26.81 12.57 2.39
C LEU B 142 27.69 12.47 3.65
N THR B 143 27.18 12.89 4.80
CA THR B 143 27.94 12.84 6.03
C THR B 143 27.71 11.52 6.77
N LYS B 144 26.90 10.65 6.16
CA LYS B 144 26.64 9.33 6.73
C LYS B 144 27.43 8.26 5.94
N ASN B 145 27.45 7.04 6.46
CA ASN B 145 28.24 5.94 5.91
C ASN B 145 27.55 5.20 4.76
N GLN B 146 26.23 5.36 4.67
CA GLN B 146 25.45 4.81 3.56
C GLN B 146 24.61 5.91 2.96
N VAL B 147 24.45 5.88 1.64
CA VAL B 147 23.63 6.87 0.96
C VAL B 147 22.47 6.23 0.24
N SER B 148 21.50 7.07 -0.08
CA SER B 148 20.26 6.63 -0.72
C SER B 148 20.28 7.05 -2.17
N LEU B 149 20.14 6.06 -3.05
CA LEU B 149 19.96 6.30 -4.47
C LEU B 149 18.49 6.08 -4.76
N THR B 150 17.87 7.08 -5.39
CA THR B 150 16.42 7.09 -5.55
C THR B 150 16.03 6.95 -7.01
N CYS B 151 15.06 6.08 -7.25
CA CYS B 151 14.46 5.93 -8.57
C CYS B 151 12.98 6.25 -8.44
N LEU B 152 12.58 7.33 -9.11
CA LEU B 152 11.18 7.72 -9.22
C LEU B 152 10.63 7.19 -10.53
N VAL B 153 9.51 6.48 -10.45
CA VAL B 153 8.80 5.97 -11.62
C VAL B 153 7.36 6.49 -11.55
N LYS B 154 6.96 7.33 -12.49
CA LYS B 154 5.63 7.96 -12.44
C LYS B 154 4.87 7.95 -13.76
N GLY B 155 3.57 8.23 -13.65
CA GLY B 155 2.73 8.38 -14.80
C GLY B 155 2.31 7.08 -15.46
N PHE B 156 2.41 5.96 -14.74
CA PHE B 156 2.15 4.68 -15.37
C PHE B 156 0.78 4.10 -15.04
N TYR B 157 0.22 3.42 -16.03
CA TYR B 157 -1.01 2.65 -15.88
C TYR B 157 -0.91 1.43 -16.78
N PRO B 158 -1.35 0.26 -16.29
CA PRO B 158 -1.87 -0.04 -14.95
C PRO B 158 -0.78 -0.09 -13.87
N SER B 159 -1.17 -0.42 -12.64
CA SER B 159 -0.26 -0.34 -11.49
C SER B 159 0.76 -1.49 -11.46
N ASP B 160 0.52 -2.53 -12.25
CA ASP B 160 1.44 -3.66 -12.32
C ASP B 160 2.75 -3.23 -12.92
N ILE B 161 3.84 -3.54 -12.22
CA ILE B 161 5.16 -3.06 -12.60
C ILE B 161 6.21 -3.82 -11.80
N ALA B 162 7.38 -3.99 -12.40
CA ALA B 162 8.54 -4.53 -11.69
C ALA B 162 9.70 -3.57 -11.80
N VAL B 163 10.26 -3.18 -10.65
CA VAL B 163 11.37 -2.23 -10.59
C VAL B 163 12.54 -2.90 -9.88
N GLU B 164 13.73 -2.83 -10.47
CA GLU B 164 14.91 -3.47 -9.91
C GLU B 164 16.14 -2.57 -10.03
N TRP B 165 17.01 -2.66 -9.04
CA TRP B 165 18.28 -1.95 -9.06
C TRP B 165 19.37 -2.94 -9.38
N GLU B 166 20.33 -2.50 -10.17
CA GLU B 166 21.48 -3.36 -10.44
C GLU B 166 22.74 -2.55 -10.56
N SER B 167 23.86 -3.25 -10.47
CA SER B 167 25.16 -2.64 -10.65
C SER B 167 26.11 -3.68 -11.20
N ASN B 168 27.00 -3.21 -12.05
CA ASN B 168 27.92 -4.06 -12.78
C ASN B 168 27.28 -5.32 -13.39
N GLY B 169 26.11 -5.19 -14.03
CA GLY B 169 25.40 -6.32 -14.62
C GLY B 169 24.85 -7.32 -13.62
N GLN B 170 24.83 -6.94 -12.35
CA GLN B 170 24.36 -7.80 -11.27
C GLN B 170 23.33 -7.09 -10.37
N PRO B 171 22.31 -7.83 -9.89
CA PRO B 171 21.35 -7.18 -9.00
C PRO B 171 21.97 -6.68 -7.68
N GLU B 172 21.38 -5.63 -7.14
CA GLU B 172 21.74 -5.12 -5.81
C GLU B 172 20.72 -5.66 -4.82
N ASN B 173 21.13 -5.93 -3.59
CA ASN B 173 20.24 -6.53 -2.58
C ASN B 173 19.55 -5.51 -1.65
N ASN B 174 20.27 -4.45 -1.28
CA ASN B 174 19.79 -3.53 -0.26
C ASN B 174 18.97 -2.39 -0.88
N TYR B 175 17.86 -2.77 -1.51
CA TYR B 175 16.89 -1.78 -1.97
C TYR B 175 15.49 -2.17 -1.60
N LYS B 176 14.66 -1.16 -1.37
CA LYS B 176 13.25 -1.35 -1.08
C LYS B 176 12.46 -0.42 -1.99
N THR B 177 11.26 -0.86 -2.36
CA THR B 177 10.43 -0.12 -3.30
C THR B 177 9.07 0.13 -2.66
N THR B 178 8.56 1.34 -2.79
CA THR B 178 7.24 1.62 -2.24
C THR B 178 6.19 0.95 -3.12
N PRO B 179 5.02 0.63 -2.55
CA PRO B 179 3.95 0.17 -3.42
C PRO B 179 3.52 1.30 -4.35
N PRO B 180 2.81 0.96 -5.43
CA PRO B 180 2.31 2.01 -6.33
C PRO B 180 1.32 2.92 -5.60
N VAL B 181 1.34 4.21 -5.92
CA VAL B 181 0.41 5.16 -5.30
C VAL B 181 -0.38 5.85 -6.38
N LEU B 182 -1.69 5.94 -6.17
CA LEU B 182 -2.58 6.54 -7.15
C LEU B 182 -2.35 8.04 -7.15
N ASP B 183 -1.89 8.56 -8.27
CA ASP B 183 -1.62 9.97 -8.40
C ASP B 183 -2.90 10.70 -8.82
N SER B 184 -2.83 12.03 -8.96
CA SER B 184 -4.04 12.83 -9.12
C SER B 184 -4.66 12.76 -10.53
N ASP B 185 -3.85 12.39 -11.53
CA ASP B 185 -4.34 12.28 -12.90
C ASP B 185 -4.77 10.86 -13.25
N GLY B 186 -4.85 9.99 -12.24
CA GLY B 186 -5.28 8.63 -12.45
C GLY B 186 -4.16 7.67 -12.80
N SER B 187 -2.97 8.20 -13.09
CA SER B 187 -1.81 7.34 -13.27
C SER B 187 -1.29 6.96 -11.88
N PHE B 188 -0.31 6.06 -11.86
CA PHE B 188 0.34 5.63 -10.62
C PHE B 188 1.78 6.11 -10.56
N PHE B 189 2.34 6.10 -9.36
CA PHE B 189 3.77 6.34 -9.20
C PHE B 189 4.35 5.53 -8.04
N LEU B 190 5.67 5.38 -8.05
CA LEU B 190 6.36 4.82 -6.90
C LEU B 190 7.79 5.31 -6.86
N TYR B 191 8.44 5.04 -5.74
CA TYR B 191 9.86 5.27 -5.59
C TYR B 191 10.55 3.97 -5.17
N SER B 192 11.77 3.78 -5.64
CA SER B 192 12.63 2.69 -5.20
C SER B 192 13.90 3.28 -4.62
N LYS B 193 14.23 2.88 -3.40
CA LYS B 193 15.42 3.37 -2.72
C LYS B 193 16.49 2.29 -2.66
N LEU B 194 17.67 2.59 -3.23
CA LEU B 194 18.82 1.72 -3.12
C LEU B 194 19.77 2.32 -2.09
N THR B 195 20.18 1.51 -1.12
CA THR B 195 21.12 1.93 -0.09
C THR B 195 22.48 1.35 -0.43
N VAL B 196 23.49 2.20 -0.55
CA VAL B 196 24.85 1.72 -0.75
C VAL B 196 25.82 2.42 0.19
N ASP B 197 26.92 1.74 0.47
CA ASP B 197 28.01 2.35 1.23
C ASP B 197 28.48 3.54 0.44
N LYS B 198 28.58 4.66 1.14
CA LYS B 198 29.03 5.90 0.53
C LYS B 198 30.29 5.74 -0.31
N SER B 199 31.22 4.89 0.15
CA SER B 199 32.49 4.72 -0.57
C SER B 199 32.28 4.19 -2.00
N ARG B 200 31.29 3.31 -2.18
CA ARG B 200 30.99 2.82 -3.51
C ARG B 200 30.46 3.95 -4.39
N TRP B 201 29.73 4.87 -3.77
CA TRP B 201 29.19 6.02 -4.48
C TRP B 201 30.30 7.00 -4.85
N GLN B 202 31.16 7.31 -3.89
CA GLN B 202 32.21 8.28 -4.11
C GLN B 202 33.17 7.81 -5.18
N GLN B 203 33.37 6.50 -5.27
CA GLN B 203 34.32 5.92 -6.21
C GLN B 203 33.85 5.93 -7.66
N GLY B 204 32.62 6.39 -7.88
CA GLY B 204 32.12 6.57 -9.25
C GLY B 204 31.45 5.35 -9.84
N ASN B 205 31.11 4.37 -9.01
CA ASN B 205 30.38 3.21 -9.48
C ASN B 205 29.03 3.59 -10.07
N VAL B 206 28.67 2.89 -11.15
CA VAL B 206 27.42 3.16 -11.85
C VAL B 206 26.31 2.24 -11.37
N PHE B 207 25.15 2.83 -11.09
CA PHE B 207 23.98 2.11 -10.64
C PHE B 207 22.85 2.32 -11.62
N SER B 208 22.01 1.31 -11.78
CA SER B 208 20.93 1.37 -12.75
C SER B 208 19.62 0.88 -12.15
N CYS B 209 18.60 1.70 -12.36
CA CYS B 209 17.24 1.36 -11.99
C CYS B 209 16.58 0.78 -13.25
N SER B 210 16.15 -0.48 -13.16
CA SER B 210 15.49 -1.15 -14.29
C SER B 210 14.00 -1.20 -14.04
N VAL B 211 13.24 -0.97 -15.10
CA VAL B 211 11.79 -0.94 -14.98
C VAL B 211 11.16 -1.76 -16.10
N MET B 212 10.17 -2.57 -15.73
CA MET B 212 9.43 -3.37 -16.68
C MET B 212 7.96 -3.06 -16.54
N HIS B 213 7.31 -2.82 -17.67
CA HIS B 213 5.92 -2.38 -17.68
C HIS B 213 5.42 -2.54 -19.11
N GLU B 214 4.14 -2.91 -19.26
CA GLU B 214 3.62 -3.28 -20.57
C GLU B 214 3.67 -2.16 -21.60
N ALA B 215 3.60 -0.91 -21.15
CA ALA B 215 3.56 0.23 -22.05
C ALA B 215 4.94 0.81 -22.36
N LEU B 216 6.00 0.09 -21.99
CA LEU B 216 7.35 0.45 -22.41
C LEU B 216 7.69 -0.32 -23.67
N HIS B 217 8.49 0.30 -24.53
CA HIS B 217 9.02 -0.40 -25.69
C HIS B 217 9.82 -1.61 -25.19
N ASN B 218 9.49 -2.78 -25.72
CA ASN B 218 10.07 -4.04 -25.27
C ASN B 218 9.80 -4.33 -23.80
N HIS B 219 8.80 -3.64 -23.26
CA HIS B 219 8.40 -3.79 -21.86
C HIS B 219 9.54 -3.50 -20.91
N TYR B 220 10.46 -2.64 -21.31
CA TYR B 220 11.67 -2.44 -20.53
C TYR B 220 12.37 -1.12 -20.76
N THR B 221 12.86 -0.55 -19.67
CA THR B 221 13.77 0.57 -19.75
C THR B 221 14.63 0.57 -18.51
N GLN B 222 15.72 1.33 -18.55
CA GLN B 222 16.58 1.51 -17.39
C GLN B 222 17.17 2.90 -17.43
N LYS B 223 17.44 3.44 -16.25
CA LYS B 223 18.11 4.71 -16.14
C LYS B 223 19.30 4.53 -15.20
N SER B 224 20.40 5.20 -15.51
CA SER B 224 21.61 5.04 -14.72
C SER B 224 21.90 6.27 -13.90
N LEU B 225 22.71 6.06 -12.85
CA LEU B 225 23.01 7.08 -11.86
C LEU B 225 24.42 6.85 -11.39
N SER B 226 25.21 7.91 -11.35
CA SER B 226 26.54 7.85 -10.78
C SER B 226 27.07 9.26 -10.54
N LEU B 227 28.14 9.32 -9.77
CA LEU B 227 28.78 10.58 -9.45
C LEU B 227 29.60 11.06 -10.63
C1 NAG C . -20.66 -3.95 3.60
C2 NAG C . -19.49 -4.92 3.83
C3 NAG C . -18.54 -4.37 4.89
C4 NAG C . -18.07 -2.97 4.46
C5 NAG C . -19.29 -2.07 4.21
C6 NAG C . -18.89 -0.70 3.68
C7 NAG C . -20.30 -7.11 3.37
C8 NAG C . -20.82 -8.44 3.91
N2 NAG C . -19.99 -6.20 4.27
O3 NAG C . -17.43 -5.26 5.01
O4 NAG C . -17.21 -2.39 5.48
O5 NAG C . -20.15 -2.66 3.21
O6 NAG C . -17.86 -0.86 2.69
O7 NAG C . -20.20 -6.91 2.16
C1 NAG C . -15.71 -2.43 5.39
C2 NAG C . -14.90 -1.32 6.04
C3 NAG C . -13.41 -1.64 5.89
C4 NAG C . -13.10 -3.03 6.48
C5 NAG C . -14.02 -4.06 5.81
C6 NAG C . -13.87 -5.46 6.33
C7 NAG C . -15.42 1.02 6.13
C8 NAG C . -15.74 2.30 5.39
N2 NAG C . -15.21 -0.06 5.40
O3 NAG C . -12.61 -0.66 6.52
O4 NAG C . -11.72 -3.37 6.19
O5 NAG C . -15.40 -3.69 6.00
O6 NAG C . -14.57 -6.37 5.50
O7 NAG C . -15.37 1.03 7.38
C1 BMA C . -10.85 -3.37 6.70
C2 BMA C . -9.84 -4.52 6.73
C3 BMA C . -8.68 -4.21 7.70
C4 BMA C . -8.07 -2.86 7.37
C5 BMA C . -9.16 -1.81 7.37
C6 BMA C . -8.62 -0.44 7.03
O2 BMA C . -9.34 -4.76 5.43
O3 BMA C . -7.65 -5.21 7.59
O4 BMA C . -7.11 -2.54 8.36
O5 BMA C . -10.16 -2.15 6.38
O6 BMA C . -9.73 0.46 6.84
C1 MAN C . -9.81 2.30 6.72
C2 MAN C . -11.03 3.19 6.93
C3 MAN C . -11.99 2.99 5.74
C4 MAN C . -11.28 3.30 4.43
C5 MAN C . -10.05 2.40 4.33
C6 MAN C . -9.23 2.66 3.09
O2 MAN C . -10.61 4.57 7.01
O3 MAN C . -13.15 3.81 5.90
O4 MAN C . -12.14 3.08 3.33
O5 MAN C . -9.19 2.59 5.46
O6 MAN C . -8.45 1.53 2.74
C1 NAG C . -10.08 4.97 8.23
C2 NAG C . -9.05 6.07 7.98
C3 NAG C . -8.55 6.66 9.30
C4 NAG C . -9.72 7.04 10.22
C5 NAG C . -10.69 5.85 10.36
C6 NAG C . -11.92 6.21 11.17
C7 NAG C . -7.77 5.82 5.97
C8 NAG C . -6.57 5.21 5.24
N2 NAG C . -7.93 5.51 7.25
O3 NAG C . -7.77 7.82 9.02
O4 NAG C . -9.21 7.41 11.52
O5 NAG C . -11.14 5.44 9.06
O6 NAG C . -12.95 6.73 10.34
O7 NAG C . -8.53 6.58 5.36
C1 GAL C . -9.44 8.70 11.97
C2 GAL C . -8.54 8.98 13.19
C3 GAL C . -8.68 10.45 13.64
C4 GAL C . -8.45 11.40 12.45
C5 GAL C . -9.36 10.99 11.28
C6 GAL C . -9.13 11.84 10.03
O2 GAL C . -8.89 8.12 14.28
O3 GAL C . -7.74 10.72 14.69
O4 GAL C . -7.08 11.37 12.06
O5 GAL C . -9.12 9.62 10.92
O6 GAL C . -10.26 12.64 9.73
C1 FUC C . -17.49 -0.02 1.83
C2 FUC C . -16.52 0.12 0.65
C3 FUC C . -17.03 -0.76 -0.50
C4 FUC C . -18.48 -0.37 -0.88
C5 FUC C . -19.38 -0.39 0.35
C6 FUC C . -20.82 0.07 0.10
O2 FUC C . -15.17 -0.15 0.98
O3 FUC C . -16.12 -0.67 -1.58
O4 FUC C . -18.58 0.93 -1.43
O5 FUC C . -18.80 0.37 1.41
C1 NAG D . -8.72 -24.46 6.43
C2 NAG D . -9.63 -23.21 6.52
C3 NAG D . -9.51 -22.36 5.24
C4 NAG D . -8.04 -22.07 4.89
C5 NAG D . -7.21 -23.38 4.90
C6 NAG D . -5.73 -23.14 4.68
C7 NAG D . -11.61 -23.38 7.87
C8 NAG D . -13.06 -23.83 8.00
N2 NAG D . -11.01 -23.61 6.70
O3 NAG D . -10.19 -21.13 5.43
O4 NAG D . -7.96 -21.47 3.59
O5 NAG D . -7.36 -24.06 6.18
O6 NAG D . -5.07 -22.80 5.92
O7 NAG D . -11.04 -22.84 8.82
C1 NAG D . -8.19 -20.05 3.13
C2 NAG D . -7.21 -19.58 2.05
C3 NAG D . -7.18 -18.04 1.98
C4 NAG D . -8.61 -17.48 1.84
C5 NAG D . -9.46 -18.03 2.98
C6 NAG D . -10.90 -17.55 2.98
C7 NAG D . -5.25 -20.89 1.52
C8 NAG D . -3.87 -21.37 1.93
N2 NAG D . -5.88 -20.08 2.36
O3 NAG D . -6.39 -17.62 0.88
O4 NAG D . -8.57 -16.03 1.90
O5 NAG D . -9.49 -19.48 2.91
O6 NAG D . -11.53 -17.82 1.75
O7 NAG D . -5.73 -21.27 0.45
C1 BMA D . -8.54 -15.36 0.69
C2 BMA D . -9.47 -14.13 0.80
C3 BMA D . -9.25 -13.10 -0.30
C4 BMA D . -7.77 -12.89 -0.65
C5 BMA D . -7.02 -14.21 -0.75
C6 BMA D . -5.54 -13.95 -0.92
O2 BMA D . -9.30 -13.51 2.07
O3 BMA D . -9.78 -11.84 0.14
O4 BMA D . -7.66 -12.19 -1.89
O5 BMA D . -7.19 -14.95 0.47
O6 BMA D . -4.86 -15.17 -1.31
C1 MAN D . -3.86 -15.28 -1.39
C2 MAN D . -3.19 -16.60 -1.85
C3 MAN D . -3.17 -17.63 -0.71
C4 MAN D . -2.61 -17.03 0.58
C5 MAN D . -3.35 -15.73 0.93
C6 MAN D . -2.74 -15.02 2.12
O2 MAN D . -1.84 -16.33 -2.27
O3 MAN D . -2.36 -18.74 -1.09
O4 MAN D . -2.74 -17.94 1.65
O5 MAN D . -3.27 -14.81 -0.17
O6 MAN D . -1.37 -14.75 1.90
C1 NAG D . -1.61 -16.26 -3.64
C2 NAG D . -0.17 -15.78 -3.88
C3 NAG D . 0.21 -15.88 -5.37
C4 NAG D . -0.22 -17.18 -6.04
C5 NAG D . -1.64 -17.59 -5.62
C6 NAG D . -1.98 -19.00 -6.07
C7 NAG D . 0.37 -14.12 -2.22
C8 NAG D . 0.49 -12.64 -1.86
N2 NAG D . -0.04 -14.40 -3.45
O3 NAG D . 1.61 -15.73 -5.50
O4 NAG D . -0.19 -16.97 -7.47
O5 NAG D . -1.78 -17.58 -4.19
O6 NAG D . -1.03 -19.94 -5.57
O7 NAG D . 0.66 -14.97 -1.38
C1 GAL D . 0.47 -17.86 -8.30
C2 GAL D . 0.59 -17.22 -9.70
C3 GAL D . 1.51 -18.01 -10.63
C4 GAL D . 2.84 -18.34 -9.93
C5 GAL D . 2.56 -19.00 -8.59
C6 GAL D . 3.82 -19.37 -7.83
O2 GAL D . -0.71 -17.14 -10.29
O3 GAL D . 1.78 -17.23 -11.80
O4 GAL D . 3.60 -17.16 -9.74
O5 GAL D . 1.79 -18.11 -7.76
O6 GAL D . 4.37 -20.60 -8.29
C1 MAN D . -11.34 -11.61 -0.80
C2 MAN D . -11.49 -10.08 -0.72
C3 MAN D . -11.80 -9.61 0.70
C4 MAN D . -12.99 -10.39 1.27
C5 MAN D . -12.73 -11.90 1.15
C6 MAN D . -13.93 -12.71 1.61
O2 MAN D . -12.53 -9.64 -1.62
O3 MAN D . -12.08 -8.23 0.71
O4 MAN D . -13.17 -10.03 2.62
O5 MAN D . -12.48 -12.25 -0.22
O6 MAN D . -13.73 -14.10 1.38
C1 NAG D . -12.27 -9.25 -2.99
C2 NAG D . -13.34 -9.24 -4.08
C3 NAG D . -12.76 -8.60 -5.35
C4 NAG D . -11.99 -7.27 -5.09
C5 NAG D . -11.10 -7.35 -3.83
C6 NAG D . -10.60 -5.98 -3.38
C7 NAG D . -14.58 -11.24 -3.54
C8 NAG D . -14.97 -12.67 -3.93
N2 NAG D . -13.76 -10.60 -4.36
O3 NAG D . -13.81 -8.35 -6.28
O4 NAG D . -11.18 -6.97 -6.22
O5 NAG D . -11.83 -7.92 -2.74
O6 NAG D . -10.33 -5.95 -1.98
O7 NAG D . -15.04 -10.74 -2.52
C1 FUC D . -4.83 -22.69 6.82
C2 FUC D . -4.20 -21.32 6.99
C3 FUC D . -2.79 -21.44 7.56
C4 FUC D . -2.78 -22.32 8.81
C5 FUC D . -3.51 -23.64 8.55
C6 FUC D . -2.74 -24.50 7.55
O2 FUC D . -5.00 -20.53 7.87
O3 FUC D . -1.91 -22.00 6.57
O4 FUC D . -1.43 -22.58 9.20
O5 FUC D . -4.83 -23.39 8.07
#